data_5YIB
#
_entry.id   5YIB
#
_cell.length_a   106.250
_cell.length_b   106.250
_cell.length_c   70.850
_cell.angle_alpha   90.00
_cell.angle_beta   90.00
_cell.angle_gamma   90.00
#
_symmetry.space_group_name_H-M   'I 4'
#
loop_
_entity.id
_entity.type
_entity.pdbx_description
1 polymer 'Plasmepsin II'
2 non-polymer (4R)-3-[(2S,3S)-3-[2-[4-[2-(dimethylamino)ethyl-methyl-amino]-2,6-dimethyl-phenoxy]ethanoylamino]-2-oxidanyl-4-phenyl-butanoyl]-5,5-dimethyl-N-[(1S,2R)-2-oxidanyl-2,3-dihydro-1H-inden-1-yl]-1,3-thiazolidine-4-carboxamide
3 non-polymer GLYCEROL
4 non-polymer 1,2-ETHANEDIOL
5 non-polymer 3-[(3-CHOLAMIDOPROPYL)DIMETHYLAMMONIO]-1-PROPANESULFONATE
6 water water
#
_entity_poly.entity_id   1
_entity_poly.type   'polypeptide(L)'
_entity_poly.pdbx_seq_one_letter_code
;SNDNIELVDFQNIMFYGDAEVGDNQQPFTFILDTGSANLWVPSVKCTTAGCLTKHLYDSSKSRTYEKDGTKVEMNYVSGT
VSGFFSKDLVTVGNLSLPYKFIEVIDTNGFEPTYTASTFDGILGLGWKDLSIGSVDPIVVELKNQNKIENALFTFYLPVH
DKHTGFLTIGGIEERFYEGPLTYEKLNHDLYWQITLDAHVGNIMLEKANCIVDSGTSAITVPTDFLNKMLQNLDVIKVPF
LPFYVTLCNNSKLPTFEFTSENGKYTLEPEYYLQHIEDVGPGLCMLNIIGLDFPVPTFILGDPFMRKYFTVFDYDNQSVG
IALAKKNL
;
_entity_poly.pdbx_strand_id   A
#
loop_
_chem_comp.id
_chem_comp.type
_chem_comp.name
_chem_comp.formula
8VC non-polymer (4R)-3-[(2S,3S)-3-[2-[4-[2-(dimethylamino)ethyl-methyl-amino]-2,6-dimethyl-phenoxy]ethanoylamino]-2-oxidanyl-4-phenyl-butanoyl]-5,5-dimethyl-N-[(1S,2R)-2-oxidanyl-2,3-dihydro-1H-inden-1-yl]-1,3-thiazolidine-4-carboxamide 'C40 H53 N5 O6 S'
CPS non-polymer 3-[(3-CHOLAMIDOPROPYL)DIMETHYLAMMONIO]-1-PROPANESULFONATE 'C32 H58 N2 O7 S'
EDO non-polymer 1,2-ETHANEDIOL 'C2 H6 O2'
GOL non-polymer GLYCEROL 'C3 H8 O3'
#
# COMPACT_ATOMS: atom_id res chain seq x y z
N SER A 1 20.44 -14.84 -1.82
CA SER A 1 18.96 -15.05 -1.94
C SER A 1 18.20 -13.93 -1.23
N ASN A 2 16.90 -13.86 -1.51
CA ASN A 2 16.03 -12.81 -1.01
C ASN A 2 14.96 -13.35 -0.07
N ASP A 3 14.43 -12.46 0.76
CA ASP A 3 13.37 -12.78 1.71
C ASP A 3 12.00 -12.52 1.07
N ASN A 4 11.22 -13.56 0.88
CA ASN A 4 9.96 -13.52 0.17
C ASN A 4 8.77 -13.76 1.08
N ILE A 5 7.92 -12.75 1.21
CA ILE A 5 6.71 -12.81 2.03
C ILE A 5 5.49 -12.91 1.09
N GLU A 6 4.70 -13.97 1.27
CA GLU A 6 3.58 -14.23 0.40
C GLU A 6 2.43 -13.27 0.71
N LEU A 7 1.75 -12.84 -0.35
CA LEU A 7 0.69 -11.86 -0.24
C LEU A 7 -0.63 -12.49 -0.65
N VAL A 8 -1.61 -12.44 0.26
CA VAL A 8 -2.96 -12.94 0.01
C VAL A 8 -3.90 -11.78 -0.32
N ASP A 9 -4.65 -11.98 -1.40
CA ASP A 9 -5.69 -11.05 -1.86
C ASP A 9 -6.94 -11.13 -0.97
N PHE A 10 -7.50 -9.97 -0.62
CA PHE A 10 -8.75 -9.89 0.17
C PHE A 10 -9.82 -9.27 -0.72
N GLN A 11 -10.53 -10.14 -1.45
CA GLN A 11 -11.72 -9.77 -2.24
C GLN A 11 -11.39 -8.76 -3.33
N ASN A 12 -10.26 -8.98 -3.97
CA ASN A 12 -9.72 -8.14 -5.05
C ASN A 12 -9.54 -6.63 -4.79
N ILE A 13 -9.79 -6.18 -3.57
CA ILE A 13 -9.66 -4.76 -3.21
C ILE A 13 -8.31 -4.51 -2.54
N MET A 14 -7.95 -5.33 -1.57
CA MET A 14 -6.66 -5.20 -0.87
C MET A 14 -5.93 -6.54 -0.80
N PHE A 15 -4.74 -6.48 -0.23
CA PHE A 15 -3.93 -7.66 0.01
C PHE A 15 -3.26 -7.54 1.37
N TYR A 16 -2.88 -8.69 1.92
CA TYR A 16 -2.24 -8.77 3.23
C TYR A 16 -1.04 -9.69 3.21
N GLY A 17 -0.16 -9.53 4.20
CA GLY A 17 0.94 -10.44 4.41
C GLY A 17 1.18 -10.63 5.89
N ASP A 18 1.80 -11.75 6.21
CA ASP A 18 1.98 -12.12 7.58
C ASP A 18 3.39 -11.85 8.02
N ALA A 19 3.51 -11.48 9.29
CA ALA A 19 4.80 -11.45 9.97
C ALA A 19 4.60 -11.76 11.46
N GLU A 20 5.70 -11.95 12.18
CA GLU A 20 5.64 -12.32 13.59
C GLU A 20 6.31 -11.32 14.49
N VAL A 21 5.78 -11.21 15.70
CA VAL A 21 6.37 -10.39 16.75
C VAL A 21 6.56 -11.28 18.01
N GLY A 22 7.72 -11.14 18.65
CA GLY A 22 8.05 -11.88 19.85
C GLY A 22 8.88 -13.14 19.58
N ASP A 23 9.70 -13.52 20.56
CA ASP A 23 10.52 -14.73 20.42
C ASP A 23 9.72 -16.03 20.55
N ASN A 24 8.47 -15.95 21.00
CA ASN A 24 7.51 -17.07 20.82
C ASN A 24 6.65 -16.97 19.53
N GLN A 25 7.07 -16.12 18.57
CA GLN A 25 6.51 -16.11 17.19
C GLN A 25 5.00 -15.90 17.13
N GLN A 26 4.52 -14.84 17.77
CA GLN A 26 3.09 -14.57 17.79
C GLN A 26 2.73 -14.05 16.38
N PRO A 27 1.78 -14.74 15.68
CA PRO A 27 1.46 -14.40 14.28
C PRO A 27 0.51 -13.22 14.12
N PHE A 28 0.76 -12.42 13.07
CA PHE A 28 -0.11 -11.30 12.73
C PHE A 28 -0.28 -11.18 11.21
N THR A 29 -1.40 -10.60 10.82
CA THR A 29 -1.67 -10.25 9.44
C THR A 29 -1.60 -8.74 9.33
N PHE A 30 -0.87 -8.28 8.31
CA PHE A 30 -0.57 -6.87 8.15
C PHE A 30 -1.03 -6.35 6.79
N ILE A 31 -1.59 -5.14 6.78
CA ILE A 31 -1.48 -4.28 5.62
C ILE A 31 -0.02 -3.85 5.54
N LEU A 32 0.55 -3.99 4.35
CA LEU A 32 1.91 -3.59 4.06
C LEU A 32 1.82 -2.29 3.28
N ASP A 33 2.29 -1.22 3.91
CA ASP A 33 2.02 0.12 3.47
C ASP A 33 3.27 0.93 3.22
N THR A 34 3.58 1.12 1.95
CA THR A 34 4.74 1.90 1.59
C THR A 34 4.59 3.37 1.98
N GLY A 35 3.37 3.83 2.20
CA GLY A 35 3.13 5.21 2.61
C GLY A 35 3.23 5.57 4.07
N SER A 36 3.63 4.64 4.92
CA SER A 36 3.87 4.97 6.33
C SER A 36 5.11 4.27 6.81
N ALA A 37 5.57 4.63 8.01
CA ALA A 37 6.90 4.21 8.47
C ALA A 37 6.93 3.69 9.90
N ASN A 38 5.81 3.14 10.35
CA ASN A 38 5.68 2.52 11.68
C ASN A 38 5.00 1.14 11.57
N LEU A 39 5.45 0.22 12.40
CA LEU A 39 4.80 -1.06 12.63
C LEU A 39 3.90 -0.95 13.85
N TRP A 40 2.69 -1.48 13.76
CA TRP A 40 1.88 -1.65 14.97
C TRP A 40 1.06 -2.92 14.98
N VAL A 41 0.85 -3.43 16.18
CA VAL A 41 0.02 -4.61 16.40
C VAL A 41 -0.92 -4.29 17.56
N PRO A 42 -2.15 -4.86 17.52
CA PRO A 42 -3.04 -4.72 18.67
C PRO A 42 -2.53 -5.57 19.86
N SER A 43 -2.66 -5.00 21.07
CA SER A 43 -2.18 -5.61 22.30
C SER A 43 -3.28 -6.37 23.03
N VAL A 44 -2.88 -7.33 23.85
CA VAL A 44 -3.81 -7.96 24.79
C VAL A 44 -4.39 -6.91 25.78
N LYS A 45 -3.69 -5.79 25.97
CA LYS A 45 -4.18 -4.68 26.79
C LYS A 45 -5.22 -3.76 26.11
N CYS A 46 -5.60 -4.10 24.87
CA CYS A 46 -6.57 -3.33 24.11
C CYS A 46 -7.93 -3.39 24.75
N THR A 47 -8.55 -2.22 24.89
CA THR A 47 -9.82 -2.04 25.59
C THR A 47 -11.04 -1.89 24.64
N THR A 48 -10.81 -2.04 23.33
CA THR A 48 -11.81 -1.63 22.35
C THR A 48 -12.31 -2.76 21.47
N ALA A 49 -13.51 -2.56 20.94
CA ALA A 49 -14.31 -3.62 20.33
C ALA A 49 -13.65 -4.22 19.10
N GLY A 50 -12.96 -3.39 18.34
CA GLY A 50 -12.20 -3.83 17.18
C GLY A 50 -11.21 -4.95 17.47
N CYS A 51 -10.61 -4.94 18.65
CA CYS A 51 -9.58 -5.93 19.00
C CYS A 51 -10.13 -7.33 19.26
N LEU A 52 -11.45 -7.45 19.37
CA LEU A 52 -12.12 -8.68 19.76
C LEU A 52 -11.80 -9.87 18.87
N THR A 53 -11.75 -9.69 17.55
CA THR A 53 -11.50 -10.80 16.62
C THR A 53 -10.07 -10.84 16.09
N LYS A 54 -9.17 -10.08 16.69
CA LYS A 54 -7.81 -9.97 16.15
C LYS A 54 -6.82 -10.88 16.88
N HIS A 55 -5.74 -11.25 16.18
CA HIS A 55 -4.54 -11.77 16.84
C HIS A 55 -3.93 -10.66 17.67
N LEU A 56 -3.68 -10.94 18.95
CA LEU A 56 -3.23 -9.92 19.90
C LEU A 56 -1.83 -10.19 20.40
N TYR A 57 -1.10 -9.11 20.68
CA TYR A 57 0.29 -9.19 21.14
C TYR A 57 0.40 -9.17 22.66
N ASP A 58 1.12 -10.16 23.17
CA ASP A 58 1.34 -10.35 24.60
C ASP A 58 2.84 -10.33 24.90
N SER A 59 3.32 -9.15 25.30
CA SER A 59 4.72 -8.93 25.70
C SER A 59 5.26 -9.84 26.80
N SER A 60 4.40 -10.22 27.77
CA SER A 60 4.83 -11.11 28.86
C SER A 60 5.21 -12.54 28.42
N LYS A 61 4.72 -12.96 27.25
CA LYS A 61 5.03 -14.27 26.66
C LYS A 61 6.31 -14.29 25.84
N SER A 62 6.90 -13.12 25.59
CA SER A 62 8.13 -13.01 24.79
C SER A 62 9.28 -12.57 25.67
N ARG A 63 10.30 -13.42 25.79
CA ARG A 63 11.49 -13.07 26.61
C ARG A 63 12.45 -12.07 25.92
N THR A 64 12.24 -11.79 24.63
CA THR A 64 12.97 -10.73 23.93
C THR A 64 12.26 -9.36 23.95
N TYR A 65 11.08 -9.29 24.56
CA TYR A 65 10.40 -8.00 24.80
C TYR A 65 11.25 -7.06 25.64
N GLU A 66 11.46 -5.83 25.17
CA GLU A 66 12.04 -4.73 25.97
C GLU A 66 10.99 -3.64 26.14
N LYS A 67 10.65 -3.36 27.39
CA LYS A 67 9.70 -2.32 27.76
C LYS A 67 10.16 -0.92 27.32
N ASP A 68 9.24 -0.14 26.74
CA ASP A 68 9.51 1.26 26.41
C ASP A 68 8.41 2.07 27.11
N GLY A 69 7.17 1.97 26.61
CA GLY A 69 6.01 2.59 27.24
C GLY A 69 5.72 4.03 26.87
N THR A 70 6.53 4.64 26.00
CA THR A 70 6.25 6.00 25.51
C THR A 70 4.90 6.01 24.79
N LYS A 71 4.03 6.92 25.23
CA LYS A 71 2.69 7.06 24.63
C LYS A 71 2.79 7.54 23.20
N VAL A 72 1.92 7.01 22.34
CA VAL A 72 1.95 7.39 20.95
C VAL A 72 0.56 7.21 20.32
N GLU A 73 0.22 8.19 19.50
CA GLU A 73 -0.98 8.19 18.69
C GLU A 73 -0.56 8.23 17.22
N MET A 74 -1.05 7.27 16.44
CA MET A 74 -0.72 7.13 15.03
C MET A 74 -1.93 7.62 14.22
N ASN A 75 -1.78 8.78 13.57
CA ASN A 75 -2.86 9.39 12.79
C ASN A 75 -2.66 9.07 11.30
N TYR A 76 -3.61 8.38 10.72
CA TYR A 76 -3.69 8.19 9.29
C TYR A 76 -4.84 9.00 8.72
N VAL A 77 -4.86 9.14 7.39
CA VAL A 77 -5.95 9.85 6.71
C VAL A 77 -7.30 9.16 6.95
N SER A 78 -7.28 7.85 7.12
CA SER A 78 -8.49 7.08 7.33
C SER A 78 -8.79 6.75 8.80
N GLY A 79 -8.09 7.38 9.73
CA GLY A 79 -8.30 7.11 11.16
C GLY A 79 -7.05 7.04 12.03
N THR A 80 -7.30 6.87 13.32
CA THR A 80 -6.27 6.94 14.34
C THR A 80 -6.25 5.66 15.17
N VAL A 81 -5.04 5.19 15.48
CA VAL A 81 -4.84 4.21 16.56
C VAL A 81 -3.89 4.79 17.61
N SER A 82 -4.08 4.38 18.85
CA SER A 82 -3.14 4.78 19.92
C SER A 82 -2.72 3.61 20.78
N GLY A 83 -1.53 3.78 21.36
CA GLY A 83 -1.03 2.90 22.38
C GLY A 83 0.31 3.40 22.87
N PHE A 84 1.30 2.52 22.85
CA PHE A 84 2.62 2.86 23.34
C PHE A 84 3.72 2.09 22.64
N PHE A 85 4.93 2.61 22.72
CA PHE A 85 6.07 1.93 22.10
C PHE A 85 6.51 0.72 22.91
N SER A 86 6.91 -0.31 22.20
CA SER A 86 7.52 -1.50 22.75
C SER A 86 8.60 -1.93 21.77
N LYS A 87 9.51 -2.77 22.26
CA LYS A 87 10.54 -3.34 21.41
C LYS A 87 10.59 -4.84 21.59
N ASP A 88 10.74 -5.54 20.46
CA ASP A 88 10.76 -7.00 20.43
C ASP A 88 11.33 -7.48 19.10
N LEU A 89 11.55 -8.77 19.01
CA LEU A 89 12.05 -9.42 17.82
C LEU A 89 10.90 -9.47 16.82
N VAL A 90 11.13 -8.92 15.63
CA VAL A 90 10.15 -8.95 14.54
C VAL A 90 10.71 -9.85 13.45
N THR A 91 9.92 -10.80 12.99
CA THR A 91 10.39 -11.67 11.91
C THR A 91 9.52 -11.51 10.69
N VAL A 92 10.16 -11.26 9.56
CA VAL A 92 9.50 -11.06 8.27
C VAL A 92 10.08 -12.09 7.30
N GLY A 93 9.21 -12.94 6.76
CA GLY A 93 9.62 -14.12 6.02
C GLY A 93 10.56 -14.96 6.88
N ASN A 94 11.81 -15.12 6.44
CA ASN A 94 12.81 -15.87 7.21
C ASN A 94 13.88 -15.00 7.88
N LEU A 95 13.63 -13.71 8.02
CA LEU A 95 14.60 -12.83 8.69
C LEU A 95 14.00 -12.18 9.94
N SER A 96 14.85 -12.01 10.95
CA SER A 96 14.53 -11.38 12.22
C SER A 96 15.38 -10.16 12.54
N LEU A 97 14.79 -9.24 13.31
CA LEU A 97 15.56 -8.17 13.93
C LEU A 97 14.82 -7.59 15.14
N PRO A 98 15.58 -7.16 16.18
CA PRO A 98 15.00 -6.32 17.22
C PRO A 98 14.44 -5.04 16.62
N TYR A 99 13.22 -4.69 16.99
CA TYR A 99 12.52 -3.62 16.30
C TYR A 99 11.59 -2.91 17.25
N LYS A 100 11.54 -1.60 17.11
CA LYS A 100 10.63 -0.75 17.86
C LYS A 100 9.31 -0.64 17.09
N PHE A 101 8.21 -0.87 17.79
CA PHE A 101 6.89 -0.87 17.24
C PHE A 101 5.90 -0.32 18.28
N ILE A 102 4.68 -0.08 17.82
CA ILE A 102 3.60 0.44 18.65
C ILE A 102 2.66 -0.71 19.05
N GLU A 103 2.50 -0.88 20.35
CA GLU A 103 1.47 -1.74 20.92
C GLU A 103 0.21 -0.92 20.99
N VAL A 104 -0.81 -1.28 20.23
CA VAL A 104 -2.05 -0.50 20.14
C VAL A 104 -3.06 -0.99 21.18
N ILE A 105 -3.59 -0.07 21.97
CA ILE A 105 -4.67 -0.35 22.95
C ILE A 105 -6.03 0.27 22.66
N ASP A 106 -6.12 1.16 21.68
CA ASP A 106 -7.37 1.82 21.30
C ASP A 106 -7.44 1.95 19.78
N THR A 107 -8.45 1.29 19.20
CA THR A 107 -8.67 1.23 17.76
C THR A 107 -10.02 1.85 17.37
N ASN A 108 -10.64 2.58 18.30
CA ASN A 108 -11.97 3.15 18.05
C ASN A 108 -11.94 4.26 17.03
N GLY A 109 -10.84 5.00 16.97
CA GLY A 109 -10.62 5.98 15.90
C GLY A 109 -10.32 5.41 14.53
N PHE A 110 -10.27 4.08 14.39
CA PHE A 110 -9.97 3.41 13.12
C PHE A 110 -11.14 2.55 12.62
N GLU A 111 -12.32 2.89 13.11
CA GLU A 111 -13.56 2.21 12.71
C GLU A 111 -14.26 3.05 11.67
N PRO A 112 -15.02 2.42 10.77
CA PRO A 112 -15.33 0.99 10.78
C PRO A 112 -14.33 0.11 9.99
N THR A 113 -13.30 0.72 9.40
CA THR A 113 -12.25 -0.02 8.66
C THR A 113 -11.71 -1.26 9.40
N TYR A 114 -11.37 -1.10 10.67
CA TYR A 114 -10.65 -2.13 11.42
C TYR A 114 -11.48 -3.41 11.65
N THR A 115 -12.69 -3.24 12.21
CA THR A 115 -13.61 -4.35 12.51
C THR A 115 -14.08 -5.10 11.27
N ALA A 116 -14.23 -4.38 10.17
CA ALA A 116 -14.71 -4.93 8.89
C ALA A 116 -13.63 -5.68 8.10
N SER A 117 -12.39 -5.27 8.26
CA SER A 117 -11.25 -5.87 7.54
C SER A 117 -10.63 -6.97 8.39
N THR A 118 -9.86 -7.86 7.76
CA THR A 118 -9.25 -8.98 8.49
C THR A 118 -7.75 -8.81 8.80
N PHE A 119 -7.22 -7.59 8.73
CA PHE A 119 -5.84 -7.36 9.15
C PHE A 119 -5.81 -7.08 10.66
N ASP A 120 -4.68 -7.40 11.29
CA ASP A 120 -4.43 -7.13 12.69
C ASP A 120 -3.74 -5.78 12.87
N GLY A 121 -2.75 -5.52 12.04
CA GLY A 121 -1.97 -4.29 12.15
C GLY A 121 -1.50 -3.74 10.82
N ILE A 122 -0.64 -2.73 10.91
CA ILE A 122 -0.04 -2.12 9.72
C ILE A 122 1.48 -2.13 9.86
N LEU A 123 2.13 -2.61 8.81
CA LEU A 123 3.56 -2.63 8.74
C LEU A 123 3.99 -1.60 7.67
N GLY A 124 4.63 -0.53 8.13
CA GLY A 124 5.08 0.54 7.27
C GLY A 124 6.33 0.19 6.49
N LEU A 125 6.36 0.61 5.23
CA LEU A 125 7.53 0.40 4.35
C LEU A 125 8.02 1.71 3.73
N GLY A 126 7.97 2.77 4.53
CA GLY A 126 8.38 4.11 4.14
C GLY A 126 9.75 4.50 4.63
N TRP A 127 9.98 5.80 4.73
CA TRP A 127 11.27 6.40 5.07
C TRP A 127 11.29 6.84 6.53
N LYS A 128 12.47 6.77 7.12
CA LYS A 128 12.66 7.01 8.53
C LYS A 128 12.05 8.33 9.02
N ASP A 129 12.32 9.39 8.29
CA ASP A 129 11.84 10.71 8.70
C ASP A 129 10.30 10.88 8.68
N LEU A 130 9.58 9.95 8.08
CA LEU A 130 8.12 9.88 8.22
C LEU A 130 7.61 9.08 9.45
N SER A 131 8.51 8.37 10.13
CA SER A 131 8.13 7.57 11.30
C SER A 131 7.93 8.47 12.52
N ILE A 132 7.03 8.06 13.41
CA ILE A 132 7.04 8.53 14.79
C ILE A 132 8.10 7.73 15.55
N GLY A 133 8.90 8.42 16.35
CA GLY A 133 9.92 7.77 17.18
C GLY A 133 11.24 7.48 16.47
N SER A 134 11.42 8.06 15.28
CA SER A 134 12.70 7.98 14.57
C SER A 134 13.17 6.51 14.37
N VAL A 135 12.29 5.68 13.82
CA VAL A 135 12.58 4.25 13.67
C VAL A 135 13.19 4.03 12.30
N ASP A 136 14.34 3.40 12.26
CA ASP A 136 14.93 2.97 10.96
C ASP A 136 14.00 1.97 10.25
N PRO A 137 13.73 2.17 8.95
CA PRO A 137 12.90 1.22 8.21
C PRO A 137 13.48 -0.20 8.23
N ILE A 138 12.59 -1.18 8.29
CA ILE A 138 12.95 -2.59 8.41
C ILE A 138 14.01 -2.97 7.36
N VAL A 139 13.78 -2.59 6.12
CA VAL A 139 14.64 -3.05 5.02
C VAL A 139 16.02 -2.42 5.09
N VAL A 140 16.08 -1.17 5.53
CA VAL A 140 17.34 -0.45 5.74
C VAL A 140 18.13 -1.13 6.87
N GLU A 141 17.41 -1.53 7.91
CA GLU A 141 18.01 -2.18 9.07
C GLU A 141 18.57 -3.56 8.70
N LEU A 142 17.80 -4.31 7.93
CA LEU A 142 18.23 -5.62 7.42
C LEU A 142 19.48 -5.55 6.54
N LYS A 143 19.52 -4.56 5.66
CA LYS A 143 20.71 -4.30 4.83
C LYS A 143 21.95 -3.96 5.70
N ASN A 144 21.78 -3.03 6.62
CA ASN A 144 22.81 -2.67 7.60
C ASN A 144 23.37 -3.85 8.40
N GLN A 145 22.52 -4.83 8.71
CA GLN A 145 22.92 -6.06 9.42
C GLN A 145 23.40 -7.17 8.48
N ASN A 146 23.55 -6.86 7.20
CA ASN A 146 24.03 -7.78 6.18
C ASN A 146 23.19 -9.04 6.02
N LYS A 147 21.90 -8.90 6.29
CA LYS A 147 21.00 -10.00 6.18
C LYS A 147 20.36 -10.07 4.79
N ILE A 148 20.47 -8.98 4.01
CA ILE A 148 19.98 -8.96 2.62
C ILE A 148 21.03 -8.30 1.75
N GLU A 149 20.91 -8.49 0.44
CA GLU A 149 21.86 -7.93 -0.53
C GLU A 149 21.73 -6.41 -0.76
N ASN A 150 20.50 -5.92 -0.94
CA ASN A 150 20.24 -4.51 -1.25
C ASN A 150 19.20 -3.94 -0.33
N ALA A 151 19.27 -2.63 -0.09
CA ALA A 151 18.22 -1.92 0.64
C ALA A 151 17.10 -1.57 -0.34
N LEU A 152 16.38 -2.60 -0.75
CA LEU A 152 15.24 -2.42 -1.62
C LEU A 152 14.24 -3.54 -1.34
N PHE A 153 13.00 -3.30 -1.75
CA PHE A 153 11.96 -4.32 -1.73
C PHE A 153 11.10 -4.17 -2.98
N THR A 154 10.35 -5.23 -3.30
CA THR A 154 9.51 -5.25 -4.50
C THR A 154 8.15 -5.80 -4.18
N PHE A 155 7.16 -5.35 -4.93
CA PHE A 155 5.80 -5.86 -4.83
C PHE A 155 5.33 -6.47 -6.14
N TYR A 156 4.95 -7.74 -6.06
CA TYR A 156 4.29 -8.45 -7.13
C TYR A 156 2.96 -8.82 -6.52
N LEU A 157 1.94 -8.05 -6.89
CA LEU A 157 0.67 -8.13 -6.19
C LEU A 157 -0.13 -9.32 -6.64
N PRO A 158 -0.90 -9.93 -5.72
CA PRO A 158 -1.74 -11.06 -6.10
C PRO A 158 -2.85 -10.62 -7.06
N VAL A 159 -3.38 -11.56 -7.83
CA VAL A 159 -4.49 -11.26 -8.73
C VAL A 159 -5.54 -12.27 -8.36
N HIS A 160 -6.71 -11.78 -7.96
CA HIS A 160 -7.83 -12.65 -7.57
C HIS A 160 -8.02 -13.81 -8.54
N ASP A 161 -7.99 -15.03 -8.01
CA ASP A 161 -8.10 -16.27 -8.77
C ASP A 161 -6.82 -16.67 -9.53
N LYS A 162 -6.18 -15.74 -10.23
CA LYS A 162 -5.00 -16.05 -11.06
C LYS A 162 -3.75 -16.49 -10.32
N HIS A 163 -3.37 -15.78 -9.26
CA HIS A 163 -2.17 -16.10 -8.48
C HIS A 163 -2.06 -15.33 -7.16
N THR A 164 -1.23 -15.82 -6.25
CA THR A 164 -0.77 -15.06 -5.08
C THR A 164 0.31 -14.08 -5.50
N GLY A 165 0.71 -13.25 -4.55
CA GLY A 165 1.74 -12.26 -4.74
C GLY A 165 2.85 -12.48 -3.75
N PHE A 166 3.85 -11.61 -3.86
CA PHE A 166 5.01 -11.60 -2.99
C PHE A 166 5.51 -10.18 -2.77
N LEU A 167 5.79 -9.89 -1.51
CA LEU A 167 6.67 -8.81 -1.11
C LEU A 167 8.05 -9.47 -1.03
N THR A 168 9.00 -8.99 -1.82
CA THR A 168 10.35 -9.54 -1.83
C THR A 168 11.29 -8.50 -1.27
N ILE A 169 12.07 -8.89 -0.25
CA ILE A 169 13.03 -7.98 0.37
C ILE A 169 14.45 -8.37 -0.06
N GLY A 170 15.18 -7.40 -0.60
CA GLY A 170 16.62 -7.52 -0.77
C GLY A 170 17.14 -7.59 -2.18
N GLY A 171 16.25 -7.80 -3.15
CA GLY A 171 16.65 -7.86 -4.53
C GLY A 171 15.49 -8.03 -5.50
N ILE A 172 15.79 -7.81 -6.77
CA ILE A 172 14.85 -7.85 -7.88
C ILE A 172 14.90 -9.20 -8.55
N GLU A 173 13.76 -9.86 -8.65
CA GLU A 173 13.67 -11.18 -9.29
C GLU A 173 12.93 -11.06 -10.63
N GLU A 174 13.56 -11.59 -11.67
CA GLU A 174 13.06 -11.55 -13.04
C GLU A 174 11.74 -12.27 -13.25
N ARG A 175 11.49 -13.31 -12.44
CA ARG A 175 10.26 -14.09 -12.48
C ARG A 175 8.99 -13.22 -12.36
N PHE A 176 9.10 -12.09 -11.69
CA PHE A 176 7.94 -11.23 -11.42
C PHE A 176 7.48 -10.33 -12.56
N TYR A 177 8.32 -10.10 -13.57
CA TYR A 177 7.99 -9.07 -14.58
C TYR A 177 8.43 -9.43 -16.00
N GLU A 178 7.84 -8.73 -16.96
CA GLU A 178 8.14 -8.90 -18.37
C GLU A 178 8.32 -7.52 -18.98
N GLY A 179 9.02 -7.46 -20.11
CA GLY A 179 9.45 -6.19 -20.70
C GLY A 179 10.44 -5.45 -19.78
N PRO A 180 10.78 -4.20 -20.14
CA PRO A 180 11.78 -3.43 -19.40
C PRO A 180 11.32 -2.96 -18.03
N LEU A 181 12.31 -2.81 -17.14
CA LEU A 181 12.13 -2.27 -15.82
C LEU A 181 12.70 -0.87 -15.89
N THR A 182 11.88 0.14 -15.59
CA THR A 182 12.29 1.54 -15.70
C THR A 182 12.35 2.17 -14.30
N TYR A 183 13.46 2.83 -14.03
CA TYR A 183 13.70 3.49 -12.75
CA TYR A 183 13.73 3.48 -12.75
C TYR A 183 13.31 4.96 -12.86
N GLU A 184 12.55 5.42 -11.87
CA GLU A 184 12.04 6.79 -11.78
C GLU A 184 12.56 7.37 -10.46
N LYS A 185 13.29 8.48 -10.58
CA LYS A 185 13.99 9.07 -9.43
C LYS A 185 12.93 9.68 -8.52
N LEU A 186 13.07 9.50 -7.21
CA LEU A 186 12.20 10.15 -6.24
C LEU A 186 12.31 11.67 -6.34
N ASN A 187 11.18 12.37 -6.30
CA ASN A 187 11.19 13.84 -6.26
C ASN A 187 11.06 14.44 -4.85
N HIS A 188 11.06 13.59 -3.85
CA HIS A 188 10.91 13.99 -2.46
C HIS A 188 11.88 13.17 -1.61
N ASP A 189 12.31 13.71 -0.48
CA ASP A 189 13.19 13.01 0.46
C ASP A 189 12.60 11.80 1.18
N LEU A 190 11.33 11.87 1.53
CA LEU A 190 10.73 10.88 2.43
C LEU A 190 9.37 10.29 2.01
N TYR A 191 8.97 10.43 0.74
CA TYR A 191 7.83 9.71 0.17
C TYR A 191 8.30 8.96 -1.06
N TRP A 192 7.66 7.83 -1.34
CA TRP A 192 7.83 7.14 -2.61
C TRP A 192 7.03 7.86 -3.75
N GLN A 193 7.51 9.04 -4.11
CA GLN A 193 6.83 9.95 -4.98
C GLN A 193 7.76 10.32 -6.13
N ILE A 194 7.19 10.32 -7.33
CA ILE A 194 7.93 10.52 -8.56
C ILE A 194 7.18 11.54 -9.41
N THR A 195 7.87 12.12 -10.37
CA THR A 195 7.30 13.10 -11.27
C THR A 195 6.93 12.40 -12.57
N LEU A 196 5.68 12.56 -12.97
CA LEU A 196 5.16 12.01 -14.22
C LEU A 196 4.16 13.00 -14.85
N ASP A 197 4.13 13.04 -16.17
CA ASP A 197 3.08 13.74 -16.89
C ASP A 197 1.87 12.84 -16.89
N ALA A 198 0.72 13.39 -16.53
CA ALA A 198 -0.52 12.61 -16.40
C ALA A 198 -1.51 12.98 -17.50
N HIS A 199 -1.76 12.05 -18.41
CA HIS A 199 -2.73 12.22 -19.50
C HIS A 199 -3.94 11.31 -19.32
N VAL A 200 -5.11 11.87 -19.52
CA VAL A 200 -6.36 11.09 -19.61
C VAL A 200 -7.13 11.68 -20.80
N GLY A 201 -6.89 11.12 -21.98
CA GLY A 201 -7.43 11.64 -23.22
C GLY A 201 -6.90 13.03 -23.51
N ASN A 202 -7.82 13.98 -23.65
CA ASN A 202 -7.52 15.40 -23.86
C ASN A 202 -6.87 16.10 -22.68
N ILE A 203 -7.28 15.69 -21.48
CA ILE A 203 -6.88 16.34 -20.22
C ILE A 203 -5.44 15.92 -19.94
N MET A 204 -4.56 16.89 -19.65
CA MET A 204 -3.22 16.55 -19.15
C MET A 204 -2.77 17.45 -17.99
N LEU A 205 -1.93 16.86 -17.14
CA LEU A 205 -1.29 17.58 -16.07
C LEU A 205 0.22 17.35 -16.18
N GLU A 206 0.96 18.42 -16.47
CA GLU A 206 2.40 18.34 -16.62
C GLU A 206 3.10 18.14 -15.27
N LYS A 207 4.02 17.18 -15.24
CA LYS A 207 4.93 16.95 -14.10
C LYS A 207 4.18 16.89 -12.76
N ALA A 208 3.16 16.05 -12.72
CA ALA A 208 2.39 15.81 -11.50
C ALA A 208 3.21 14.99 -10.52
N ASN A 209 2.99 15.21 -9.23
CA ASN A 209 3.48 14.27 -8.22
C ASN A 209 2.67 12.97 -8.29
N CYS A 210 3.35 11.83 -8.32
CA CYS A 210 2.70 10.55 -8.36
C CYS A 210 3.29 9.73 -7.25
N ILE A 211 2.43 9.35 -6.30
CA ILE A 211 2.84 8.57 -5.16
C ILE A 211 2.46 7.13 -5.44
N VAL A 212 3.43 6.23 -5.38
CA VAL A 212 3.14 4.81 -5.50
C VAL A 212 2.93 4.29 -4.09
N ASP A 213 1.73 3.77 -3.83
CA ASP A 213 1.31 3.41 -2.47
C ASP A 213 0.56 2.09 -2.40
N SER A 214 1.15 1.13 -1.69
CA SER A 214 0.59 -0.20 -1.53
C SER A 214 -0.61 -0.29 -0.62
N GLY A 215 -0.83 0.71 0.23
CA GLY A 215 -1.90 0.68 1.22
C GLY A 215 -3.19 1.37 0.81
N THR A 216 -3.19 1.98 -0.36
CA THR A 216 -4.31 2.75 -0.86
C THR A 216 -4.98 1.93 -1.97
N SER A 217 -6.23 1.53 -1.75
CA SER A 217 -6.88 0.62 -2.69
C SER A 217 -7.67 1.33 -3.80
N ALA A 218 -7.18 2.48 -4.24
CA ALA A 218 -7.77 3.23 -5.35
C ALA A 218 -6.67 3.99 -6.07
N ILE A 219 -7.02 4.52 -7.23
CA ILE A 219 -6.27 5.60 -7.85
C ILE A 219 -6.90 6.89 -7.33
N THR A 220 -6.07 7.83 -6.90
CA THR A 220 -6.58 9.13 -6.55
C THR A 220 -6.05 10.16 -7.53
N VAL A 221 -6.91 11.13 -7.76
CA VAL A 221 -6.81 12.08 -8.85
C VAL A 221 -7.20 13.45 -8.27
N PRO A 222 -6.52 14.55 -8.69
CA PRO A 222 -6.94 15.90 -8.26
C PRO A 222 -8.41 16.15 -8.61
N THR A 223 -9.16 16.83 -7.75
CA THR A 223 -10.63 16.92 -7.93
C THR A 223 -11.01 17.65 -9.21
N ASP A 224 -10.30 18.73 -9.54
CA ASP A 224 -10.56 19.47 -10.79
C ASP A 224 -10.39 18.57 -12.01
N PHE A 225 -9.24 17.91 -12.06
CA PHE A 225 -8.90 16.95 -13.11
C PHE A 225 -9.95 15.82 -13.21
N LEU A 226 -10.42 15.33 -12.07
CA LEU A 226 -11.47 14.32 -12.04
C LEU A 226 -12.81 14.82 -12.56
N ASN A 227 -13.20 16.04 -12.16
CA ASN A 227 -14.41 16.65 -12.66
C ASN A 227 -14.39 16.80 -14.19
N LYS A 228 -13.25 17.22 -14.73
CA LYS A 228 -13.08 17.24 -16.17
C LYS A 228 -13.23 15.83 -16.79
N MET A 229 -12.61 14.83 -16.19
CA MET A 229 -12.74 13.45 -16.68
C MET A 229 -14.17 12.96 -16.74
N LEU A 230 -14.95 13.25 -15.71
CA LEU A 230 -16.29 12.66 -15.54
C LEU A 230 -17.42 13.40 -16.26
N GLN A 231 -17.10 14.55 -16.82
CA GLN A 231 -18.06 15.37 -17.54
CA GLN A 231 -18.10 15.35 -17.51
C GLN A 231 -18.54 14.59 -18.76
N ASN A 232 -19.85 14.41 -18.92
CA ASN A 232 -20.40 13.67 -20.07
C ASN A 232 -19.93 12.21 -20.21
N LEU A 233 -19.50 11.59 -19.11
CA LEU A 233 -18.97 10.23 -19.14
C LEU A 233 -20.05 9.17 -18.82
N ASP A 234 -21.25 9.61 -18.44
CA ASP A 234 -22.38 8.74 -18.08
C ASP A 234 -22.09 7.90 -16.84
N VAL A 235 -21.40 8.46 -15.85
CA VAL A 235 -21.20 7.78 -14.56
C VAL A 235 -22.03 8.53 -13.53
N ILE A 236 -22.38 7.86 -12.44
CA ILE A 236 -23.22 8.43 -11.38
C ILE A 236 -22.53 8.26 -10.02
N LYS A 237 -22.55 9.32 -9.21
CA LYS A 237 -21.96 9.28 -7.89
C LYS A 237 -22.86 8.55 -6.90
N VAL A 238 -22.28 7.76 -6.01
CA VAL A 238 -23.04 7.07 -4.99
C VAL A 238 -23.42 8.13 -3.93
N PRO A 239 -24.70 8.19 -3.49
CA PRO A 239 -25.06 9.13 -2.46
C PRO A 239 -24.20 8.98 -1.21
N PHE A 240 -23.64 10.09 -0.73
CA PHE A 240 -22.89 10.17 0.53
C PHE A 240 -21.49 9.63 0.52
N LEU A 241 -21.02 9.12 -0.63
CA LEU A 241 -19.73 8.50 -0.73
C LEU A 241 -18.99 9.01 -1.96
N PRO A 242 -17.64 9.00 -1.91
CA PRO A 242 -16.84 9.59 -3.00
C PRO A 242 -16.58 8.67 -4.19
N PHE A 243 -17.56 7.82 -4.50
CA PHE A 243 -17.43 6.76 -5.51
C PHE A 243 -18.44 6.91 -6.63
N TYR A 244 -18.02 6.57 -7.84
CA TYR A 244 -18.82 6.68 -9.04
C TYR A 244 -19.07 5.30 -9.59
N VAL A 245 -20.30 5.12 -10.06
CA VAL A 245 -20.75 3.89 -10.64
C VAL A 245 -20.99 4.11 -12.14
N THR A 246 -20.80 3.04 -12.89
CA THR A 246 -20.90 3.06 -14.33
C THR A 246 -21.40 1.69 -14.84
N LEU A 247 -21.89 1.66 -16.07
CA LEU A 247 -21.99 0.40 -16.79
C LEU A 247 -20.57 -0.09 -17.08
N CYS A 248 -20.32 -1.38 -16.87
CA CYS A 248 -18.98 -1.94 -17.02
C CYS A 248 -18.41 -1.74 -18.42
N ASN A 249 -19.29 -1.82 -19.42
CA ASN A 249 -18.88 -1.70 -20.80
C ASN A 249 -19.04 -0.29 -21.37
N ASN A 250 -19.12 0.73 -20.52
CA ASN A 250 -19.16 2.13 -20.93
C ASN A 250 -17.95 2.48 -21.82
N SER A 251 -18.21 2.66 -23.10
CA SER A 251 -17.18 2.90 -24.13
CA SER A 251 -17.13 2.88 -24.08
C SER A 251 -16.41 4.22 -23.93
N LYS A 252 -16.94 5.11 -23.12
CA LYS A 252 -16.32 6.41 -22.91
C LYS A 252 -15.20 6.37 -21.89
N LEU A 253 -15.17 5.35 -21.04
CA LEU A 253 -14.21 5.26 -19.94
C LEU A 253 -12.77 5.36 -20.46
N PRO A 254 -11.99 6.32 -19.93
CA PRO A 254 -10.69 6.60 -20.50
C PRO A 254 -9.57 5.69 -19.96
N THR A 255 -8.40 5.83 -20.57
CA THR A 255 -7.15 5.18 -20.14
C THR A 255 -6.19 6.21 -19.54
N PHE A 256 -5.73 5.98 -18.32
CA PHE A 256 -4.73 6.85 -17.74
C PHE A 256 -3.42 6.55 -18.45
N GLU A 257 -2.67 7.59 -18.76
CA GLU A 257 -1.36 7.43 -19.31
C GLU A 257 -0.44 8.38 -18.59
N PHE A 258 0.53 7.81 -17.87
CA PHE A 258 1.56 8.56 -17.17
C PHE A 258 2.88 8.37 -17.89
N THR A 259 3.59 9.46 -18.15
CA THR A 259 4.87 9.40 -18.86
C THR A 259 6.03 10.18 -18.22
N SER A 260 7.21 9.61 -18.37
CA SER A 260 8.48 10.31 -18.13
C SER A 260 9.30 10.17 -19.39
N GLU A 261 10.44 10.82 -19.42
CA GLU A 261 11.41 10.61 -20.50
C GLU A 261 11.93 9.17 -20.53
N ASN A 262 11.83 8.49 -19.39
CA ASN A 262 12.26 7.11 -19.25
C ASN A 262 11.21 6.10 -19.75
N GLY A 263 9.94 6.34 -19.43
CA GLY A 263 8.92 5.31 -19.49
C GLY A 263 7.50 5.81 -19.65
N LYS A 264 6.62 4.86 -19.97
CA LYS A 264 5.22 5.10 -20.22
C LYS A 264 4.42 4.00 -19.52
N TYR A 265 3.46 4.42 -18.71
CA TYR A 265 2.64 3.53 -17.88
C TYR A 265 1.19 3.88 -18.14
N THR A 266 0.38 2.89 -18.45
CA THR A 266 -1.03 3.10 -18.78
C THR A 266 -1.93 2.30 -17.83
N LEU A 267 -3.12 2.84 -17.60
CA LEU A 267 -4.10 2.17 -16.77
C LEU A 267 -5.48 2.24 -17.44
N GLU A 268 -5.84 1.10 -18.02
CA GLU A 268 -7.05 0.92 -18.81
C GLU A 268 -8.22 0.62 -17.86
N PRO A 269 -9.47 0.81 -18.34
CA PRO A 269 -10.63 0.61 -17.46
C PRO A 269 -10.70 -0.73 -16.74
N GLU A 270 -10.31 -1.81 -17.42
CA GLU A 270 -10.32 -3.13 -16.81
C GLU A 270 -9.49 -3.20 -15.51
N TYR A 271 -8.50 -2.35 -15.37
CA TYR A 271 -7.69 -2.27 -14.15
C TYR A 271 -8.26 -1.42 -13.05
N TYR A 272 -9.08 -0.43 -13.38
CA TYR A 272 -9.65 0.43 -12.34
C TYR A 272 -11.14 0.19 -12.05
N LEU A 273 -11.76 -0.72 -12.79
CA LEU A 273 -13.14 -1.09 -12.54
C LEU A 273 -13.28 -2.26 -11.58
N GLN A 274 -14.32 -2.18 -10.76
CA GLN A 274 -14.69 -3.18 -9.80
C GLN A 274 -16.16 -3.56 -10.07
N HIS A 275 -16.40 -4.81 -10.43
CA HIS A 275 -17.75 -5.32 -10.64
C HIS A 275 -18.56 -5.27 -9.37
N ILE A 276 -19.79 -4.83 -9.48
CA ILE A 276 -20.72 -4.79 -8.36
C ILE A 276 -22.07 -5.39 -8.83
N GLU A 277 -22.01 -6.61 -9.36
CA GLU A 277 -23.16 -7.35 -9.91
C GLU A 277 -24.33 -7.50 -8.91
N ASP A 278 -23.97 -7.76 -7.67
CA ASP A 278 -24.90 -7.78 -6.52
C ASP A 278 -25.72 -6.48 -6.35
N VAL A 279 -25.08 -5.33 -6.57
CA VAL A 279 -25.78 -4.03 -6.54
C VAL A 279 -26.72 -3.98 -7.74
N GLY A 280 -26.17 -4.18 -8.93
CA GLY A 280 -26.97 -4.27 -10.14
C GLY A 280 -26.23 -4.94 -11.29
N PRO A 281 -26.98 -5.47 -12.28
CA PRO A 281 -26.38 -6.24 -13.38
C PRO A 281 -25.70 -5.36 -14.44
N GLY A 282 -24.50 -5.77 -14.86
CA GLY A 282 -23.62 -4.97 -15.72
C GLY A 282 -23.09 -3.66 -15.11
N LEU A 283 -23.04 -3.58 -13.78
CA LEU A 283 -22.66 -2.35 -13.07
C LEU A 283 -21.30 -2.49 -12.43
N CYS A 284 -20.52 -1.42 -12.54
CA CYS A 284 -19.16 -1.37 -12.00
C CYS A 284 -18.95 -0.10 -11.18
N MET A 285 -18.08 -0.18 -10.19
CA MET A 285 -17.61 1.00 -9.47
C MET A 285 -16.22 1.36 -10.01
N LEU A 286 -15.98 2.65 -10.19
CA LEU A 286 -14.65 3.15 -10.51
C LEU A 286 -13.84 3.13 -9.23
N ASN A 287 -12.65 2.53 -9.28
CA ASN A 287 -11.68 2.63 -8.18
C ASN A 287 -10.79 3.87 -8.24
N ILE A 288 -11.48 5.01 -8.21
CA ILE A 288 -10.89 6.31 -8.46
C ILE A 288 -11.55 7.29 -7.49
N ILE A 289 -10.76 8.09 -6.80
CA ILE A 289 -11.24 9.04 -5.81
C ILE A 289 -10.57 10.38 -6.08
N GLY A 290 -11.34 11.46 -5.98
CA GLY A 290 -10.84 12.80 -6.13
C GLY A 290 -10.22 13.25 -4.82
N LEU A 291 -8.98 13.73 -4.85
CA LEU A 291 -8.27 14.20 -3.66
C LEU A 291 -7.32 15.32 -4.02
N ASP A 292 -7.44 16.43 -3.30
CA ASP A 292 -6.54 17.57 -3.48
C ASP A 292 -5.42 17.61 -2.43
N PHE A 293 -4.20 17.42 -2.91
CA PHE A 293 -3.02 17.75 -2.15
C PHE A 293 -2.71 19.23 -2.39
N PRO A 294 -1.89 19.83 -1.53
CA PRO A 294 -1.40 21.19 -1.79
C PRO A 294 -0.77 21.38 -3.20
N VAL A 295 0.01 20.40 -3.65
CA VAL A 295 0.51 20.34 -5.03
C VAL A 295 -0.23 19.23 -5.76
N PRO A 296 -0.63 19.46 -7.04
CA PRO A 296 -1.37 18.41 -7.73
C PRO A 296 -0.66 17.05 -7.71
N THR A 297 -1.41 16.04 -7.27
CA THR A 297 -0.84 14.74 -6.95
C THR A 297 -1.85 13.63 -7.30
N PHE A 298 -1.31 12.52 -7.80
CA PHE A 298 -2.04 11.29 -8.01
C PHE A 298 -1.47 10.27 -7.02
N ILE A 299 -2.33 9.45 -6.43
CA ILE A 299 -1.88 8.24 -5.75
C ILE A 299 -2.09 7.06 -6.71
N LEU A 300 -0.99 6.39 -7.02
CA LEU A 300 -0.99 5.19 -7.83
C LEU A 300 -1.01 4.04 -6.85
N GLY A 301 -2.22 3.68 -6.48
CA GLY A 301 -2.43 2.68 -5.47
C GLY A 301 -2.51 1.28 -6.02
N ASP A 302 -3.23 0.44 -5.26
CA ASP A 302 -3.36 -0.99 -5.58
CA ASP A 302 -3.41 -0.99 -5.56
C ASP A 302 -3.74 -1.28 -7.03
N PRO A 303 -4.65 -0.49 -7.65
CA PRO A 303 -4.96 -0.80 -9.06
C PRO A 303 -3.76 -0.64 -10.03
N PHE A 304 -2.93 0.38 -9.81
CA PHE A 304 -1.71 0.53 -10.57
C PHE A 304 -0.75 -0.64 -10.31
N MET A 305 -0.57 -0.99 -9.06
CA MET A 305 0.36 -2.04 -8.64
C MET A 305 -0.09 -3.48 -9.00
N ARG A 306 -1.38 -3.67 -9.27
CA ARG A 306 -1.84 -4.96 -9.80
C ARG A 306 -1.27 -5.17 -11.19
N LYS A 307 -1.29 -4.12 -11.99
CA LYS A 307 -0.74 -4.18 -13.34
C LYS A 307 0.79 -4.16 -13.37
N TYR A 308 1.39 -3.28 -12.56
CA TYR A 308 2.82 -3.04 -12.60
C TYR A 308 3.53 -3.54 -11.35
N PHE A 309 4.48 -4.44 -11.60
CA PHE A 309 5.53 -4.82 -10.64
C PHE A 309 6.29 -3.54 -10.27
N THR A 310 6.64 -3.41 -8.99
CA THR A 310 7.27 -2.19 -8.50
C THR A 310 8.41 -2.49 -7.54
N VAL A 311 9.45 -1.67 -7.66
CA VAL A 311 10.69 -1.80 -6.91
C VAL A 311 10.89 -0.51 -6.12
N PHE A 312 11.05 -0.63 -4.82
CA PHE A 312 11.24 0.52 -3.94
C PHE A 312 12.65 0.46 -3.41
N ASP A 313 13.46 1.36 -3.92
CA ASP A 313 14.91 1.29 -3.76
C ASP A 313 15.42 2.48 -2.96
N TYR A 314 15.70 2.21 -1.69
CA TYR A 314 16.25 3.19 -0.75
C TYR A 314 17.67 3.66 -1.14
N ASP A 315 18.56 2.74 -1.48
CA ASP A 315 19.95 3.12 -1.81
C ASP A 315 20.01 4.07 -3.02
N ASN A 316 19.25 3.77 -4.07
CA ASN A 316 19.21 4.57 -5.30
C ASN A 316 18.12 5.64 -5.35
N GLN A 317 17.36 5.75 -4.26
CA GLN A 317 16.28 6.74 -4.12
C GLN A 317 15.38 6.81 -5.33
N SER A 318 14.77 5.67 -5.65
CA SER A 318 13.94 5.55 -6.84
C SER A 318 12.90 4.46 -6.73
N VAL A 319 11.94 4.54 -7.64
CA VAL A 319 10.93 3.52 -7.81
C VAL A 319 11.14 2.92 -9.18
N GLY A 320 11.25 1.59 -9.22
CA GLY A 320 11.33 0.87 -10.47
C GLY A 320 9.95 0.37 -10.85
N ILE A 321 9.62 0.46 -12.13
CA ILE A 321 8.31 0.07 -12.65
C ILE A 321 8.43 -0.86 -13.87
N ALA A 322 7.78 -2.02 -13.80
CA ALA A 322 7.68 -2.96 -14.93
C ALA A 322 6.32 -3.67 -14.96
N LEU A 323 5.92 -4.06 -16.16
CA LEU A 323 4.73 -4.85 -16.35
C LEU A 323 4.88 -6.17 -15.58
N ALA A 324 3.94 -6.42 -14.66
CA ALA A 324 3.89 -7.66 -13.88
C ALA A 324 3.62 -8.85 -14.80
N LYS A 325 4.31 -9.96 -14.59
CA LYS A 325 4.01 -11.19 -15.34
C LYS A 325 2.59 -11.61 -14.96
N LYS A 326 1.81 -11.99 -15.97
CA LYS A 326 0.41 -12.36 -15.76
C LYS A 326 0.30 -13.61 -14.85
N ASN A 327 1.29 -14.50 -14.90
CA ASN A 327 1.40 -15.66 -14.01
C ASN A 327 2.80 -15.91 -13.49
N LEU A 328 2.89 -16.79 -12.50
CA LEU A 328 4.14 -17.36 -12.04
C LEU A 328 4.24 -18.81 -12.51
C10 8VC B . -1.52 8.43 5.81
C13 8VC B . -1.72 6.94 3.72
C16 8VC B . -1.73 9.80 2.01
C17 8VC B . -2.40 10.99 1.69
C18 8VC B . -3.70 10.94 1.20
C19 8VC B . -4.35 9.70 1.04
C20 8VC B . -3.68 8.52 1.35
C21 8VC B . -1.16 5.51 4.04
C22 8VC B . -2.23 4.48 3.65
C25 8VC B . -3.84 4.75 6.05
C27 8VC B . -4.45 2.31 5.47
C28 8VC B . -4.42 3.24 4.11
C01 8VC B . 1.79 8.23 8.43
C02 8VC B . 1.93 9.75 8.20
C03 8VC B . 2.67 10.48 9.15
C04 8VC B . 2.85 11.86 8.99
C05 8VC B . 2.24 12.50 7.88
C06 8VC B . 1.50 11.79 6.96
C07 8VC B . 1.34 10.39 7.11
O08 8VC B . 0.56 9.66 6.17
C09 8VC B . -0.76 9.50 6.64
O11 8VC B . -2.53 7.96 6.19
N12 8VC B . -0.96 7.98 4.51
C14 8VC B . -1.63 7.26 2.18
C15 8VC B . -2.37 8.57 1.85
O23 8VC B . -2.18 3.90 2.62
N24 8VC B . -3.40 4.24 4.51
S26 8VC B . -4.34 3.48 6.74
C29 8VC B . -5.76 3.89 3.76
O30 8VC B . -6.25 4.77 4.38
N31 8VC B . -6.46 3.30 2.59
C32 8VC B . -7.81 3.74 2.18
C33 8VC B . -8.44 2.52 1.51
C34 8VC B . -9.36 3.11 0.46
C35 8VC B . -8.71 4.48 0.12
C36 8VC B . -8.90 5.33 -0.99
C37 8VC B . -8.16 6.55 -1.09
C38 8VC B . -7.25 6.91 -0.06
C39 8VC B . -7.05 6.06 1.04
C40 8VC B . -7.79 4.84 1.12
O41 8VC B . -7.43 1.71 0.88
C42 8VC B . -5.72 1.46 5.52
C43 8VC B . -3.15 1.41 5.38
O44 8VC B . 0.10 5.27 3.51
C45 8VC B . 0.87 12.56 5.76
N46 8VC B . 3.62 12.63 10.01
C47 8VC B . 2.96 13.86 10.56
C48 8VC B . 4.94 12.14 10.48
C49 8VC B . 5.81 13.18 11.27
N50 8VC B . 6.77 12.48 12.16
C51 8VC B . 6.18 12.28 13.47
C52 8VC B . 8.09 13.15 12.26
C1 GOL C . 21.18 -12.62 -11.13
O1 GOL C . 22.28 -12.00 -10.45
C2 GOL C . 20.41 -13.55 -10.20
O2 GOL C . 21.33 -14.49 -9.63
C3 GOL C . 19.33 -14.31 -10.97
O3 GOL C . 18.99 -15.56 -10.33
C1 GOL D . -12.53 1.26 -1.62
O1 GOL D . -12.10 1.46 -2.97
C2 GOL D . -13.49 0.08 -1.53
O2 GOL D . -13.55 -0.39 -0.18
C3 GOL D . -14.89 0.48 -2.00
O3 GOL D . -15.75 0.83 -0.91
C1 GOL E . 4.65 -3.43 32.51
O1 GOL E . 4.17 -2.10 32.75
C2 GOL E . 4.39 -3.82 31.07
O2 GOL E . 5.59 -3.72 30.31
C3 GOL E . 3.94 -5.28 30.97
O3 GOL E . 2.53 -5.45 31.09
C1 GOL F . -23.74 11.42 -16.29
O1 GOL F . -24.45 11.61 -15.05
C2 GOL F . -23.13 12.70 -16.89
O2 GOL F . -22.37 12.28 -18.02
C3 GOL F . -24.15 13.69 -17.40
O3 GOL F . -23.89 14.02 -18.78
C1 GOL G . 8.82 13.74 -16.03
O1 GOL G . 7.92 14.37 -16.95
C2 GOL G . 10.20 14.38 -16.14
O2 GOL G . 10.21 15.60 -15.39
C3 GOL G . 11.31 13.47 -15.59
O3 GOL G . 11.54 12.33 -16.41
C1 EDO H . 3.24 9.13 1.76
O1 EDO H . 3.39 9.40 0.37
C2 EDO H . 1.78 9.19 2.12
O2 EDO H . 1.49 8.42 3.28
C1 EDO I . 0.80 -1.65 -21.67
O1 EDO I . 0.69 -0.26 -21.98
C2 EDO I . -0.45 -2.39 -22.14
O2 EDO I . -0.87 -3.39 -21.20
C1 CPS J . -12.08 4.38 3.46
C2 CPS J . -12.77 5.39 2.53
C3 CPS J . -10.74 6.98 2.93
C4 CPS J . -10.19 8.40 3.08
C5 CPS J . -10.96 9.42 2.25
C6 CPS J . -12.45 9.26 2.55
C7 CPS J . -13.12 10.49 1.95
C8 CPS J . -12.07 11.58 2.11
C9 CPS J . -10.79 10.91 2.61
C10 CPS J . -10.61 9.18 0.77
C11 CPS J . -12.43 5.08 1.07
C12 CPS J . -12.96 3.19 3.85
C13 CPS J . -14.20 3.66 4.63
C14 CPS J . -14.73 5.00 4.10
C15 CPS J . -14.30 5.27 2.67
C16 CPS J . -15.09 6.45 2.08
C17 CPS J . -14.53 7.84 2.41
C18 CPS J . -13.03 7.92 2.17
C19 CPS J . -12.28 6.81 2.94
C20 CPS J . -9.55 11.69 2.13
C21 CPS J . -8.25 11.09 2.65
C22 CPS J . -9.58 13.18 2.51
C23 CPS J . -9.89 13.47 3.98
C24 CPS J . -9.50 14.89 4.33
C25 CPS J . -8.11 14.28 6.34
C26 CPS J . -8.27 14.83 7.74
N1 CPS J . -8.68 15.19 5.36
O1 CPS J . -9.97 15.80 3.65
O2 CPS J . -13.84 3.80 6.01
O3 CPS J . -14.84 8.13 3.76
O4 CPS J . -10.13 8.72 4.48
#